data_5EP1
#
_entry.id   5EP1
#
_cell.length_a   76.307
_cell.length_b   76.307
_cell.length_c   82.387
_cell.angle_alpha   90.000
_cell.angle_beta   90.000
_cell.angle_gamma   120.000
#
_symmetry.space_group_name_H-M   'P 61'
#
loop_
_entity.id
_entity.type
_entity.pdbx_description
1 polymer 'Putative repressor protein luxO'
2 non-polymer 'ACETATE ION'
3 water water
#
_entity_poly.entity_id   1
_entity_poly.type   'polypeptide(L)'
_entity_poly.pdbx_seq_one_letter_code
;MGFIGNSLPMQAVYRVIESAASSKATVFITGESGTGKEVCAEAIHAASPRHDKPFIALNCAAIPKDLIESELFGHVKGAF
TGASTERQGAVEMAHNGTLMLDELCEMDLDLQSKLLRFIQTGTYQKVGSSKMSSVDVRFVCATNRNPWEEVQEGRFREDL
YYRLHVIPISLPPLRERGGDIIEIAHALLGLMSLEEGKSFSRFSEPVLRLFESYSWPGNVRELQNVIRNIVVLNTDDEVK
LEMVPPPILEHHH
;
_entity_poly.pdbx_strand_id   A
#
loop_
_chem_comp.id
_chem_comp.type
_chem_comp.name
_chem_comp.formula
ACT non-polymer 'ACETATE ION' 'C2 H3 O2 -1'
#
# COMPACT_ATOMS: atom_id res chain seq x y z
N GLY A 2 4.50 10.48 -0.72
CA GLY A 2 4.37 10.42 -2.17
C GLY A 2 2.94 10.88 -2.43
N PHE A 3 2.30 11.27 -1.34
CA PHE A 3 0.96 11.77 -1.49
C PHE A 3 0.97 13.15 -2.15
N ILE A 4 -0.17 13.49 -2.76
CA ILE A 4 -0.38 14.76 -3.43
C ILE A 4 -1.51 15.52 -2.74
N GLY A 5 -1.26 16.75 -2.39
CA GLY A 5 -2.32 17.64 -1.94
C GLY A 5 -2.20 17.96 -0.46
N ASN A 6 -2.87 19.05 -0.06
CA ASN A 6 -2.84 19.39 1.36
CA ASN A 6 -2.85 19.53 1.30
C ASN A 6 -4.26 19.65 1.88
N SER A 7 -5.18 18.78 1.47
CA SER A 7 -6.51 18.80 2.08
C SER A 7 -6.44 18.59 3.60
N LEU A 8 -7.42 19.18 4.29
CA LEU A 8 -7.55 19.03 5.74
C LEU A 8 -7.34 17.60 6.25
N PRO A 9 -8.04 16.57 5.74
CA PRO A 9 -7.84 15.22 6.28
C PRO A 9 -6.46 14.68 5.99
N MET A 10 -5.86 15.05 4.86
CA MET A 10 -4.50 14.56 4.59
C MET A 10 -3.49 15.21 5.49
N GLN A 11 -3.72 16.45 5.93
CA GLN A 11 -2.80 17.11 6.88
CA GLN A 11 -2.71 17.04 6.80
C GLN A 11 -2.63 16.29 8.14
N ALA A 12 -3.72 15.68 8.59
CA ALA A 12 -3.68 14.84 9.78
C ALA A 12 -2.84 13.60 9.53
N VAL A 13 -2.98 13.01 8.34
CA VAL A 13 -2.14 11.87 7.95
C VAL A 13 -0.68 12.28 7.94
N TYR A 14 -0.36 13.42 7.33
CA TYR A 14 1.04 13.85 7.24
C TYR A 14 1.65 14.04 8.62
N ARG A 15 0.88 14.56 9.58
CA ARG A 15 1.41 14.76 10.93
CA ARG A 15 1.41 14.75 10.93
C ARG A 15 1.74 13.42 11.57
N VAL A 16 0.86 12.42 11.40
CA VAL A 16 1.14 11.10 11.95
C VAL A 16 2.31 10.45 11.23
N ILE A 17 2.42 10.64 9.92
CA ILE A 17 3.58 10.08 9.20
C ILE A 17 4.85 10.64 9.78
N GLU A 18 4.92 11.96 9.98
CA GLU A 18 6.15 12.57 10.46
C GLU A 18 6.52 12.08 11.85
N SER A 19 5.52 12.03 12.75
CA SER A 19 5.79 11.59 14.12
C SER A 19 6.12 10.11 14.18
N ALA A 20 5.43 9.30 13.39
CA ALA A 20 5.69 7.86 13.40
C ALA A 20 7.05 7.54 12.79
N ALA A 21 7.51 8.35 11.82
CA ALA A 21 8.73 8.05 11.09
C ALA A 21 9.94 7.98 12.01
N SER A 22 9.94 8.73 13.10
CA SER A 22 11.09 8.71 13.99
C SER A 22 11.01 7.61 15.03
N SER A 23 9.97 6.79 15.00
CA SER A 23 9.80 5.65 15.89
C SER A 23 9.98 4.36 15.11
N LYS A 24 10.34 3.28 15.80
CA LYS A 24 10.27 1.97 15.18
C LYS A 24 8.93 1.29 15.37
N ALA A 25 7.95 1.94 16.01
CA ALA A 25 6.71 1.27 16.35
C ALA A 25 5.98 0.87 15.06
N THR A 26 5.32 -0.28 15.11
CA THR A 26 4.61 -0.77 13.93
C THR A 26 3.44 0.13 13.55
N VAL A 27 3.35 0.45 12.27
CA VAL A 27 2.24 1.22 11.72
C VAL A 27 1.26 0.25 11.05
N PHE A 28 -0.04 0.48 11.23
CA PHE A 28 -1.07 -0.44 10.73
C PHE A 28 -2.05 0.40 9.94
N ILE A 29 -2.00 0.27 8.61
CA ILE A 29 -2.76 1.17 7.71
C ILE A 29 -4.03 0.48 7.27
N THR A 30 -5.16 1.22 7.32
CA THR A 30 -6.43 0.76 6.76
C THR A 30 -6.99 1.85 5.86
N GLY A 31 -7.97 1.46 5.06
CA GLY A 31 -8.61 2.42 4.18
C GLY A 31 -9.42 1.68 3.15
N GLU A 32 -10.28 2.43 2.47
CA GLU A 32 -11.13 1.80 1.44
C GLU A 32 -10.29 1.32 0.27
N SER A 33 -10.92 0.47 -0.56
CA SER A 33 -10.28 -0.04 -1.78
C SER A 33 -9.76 1.13 -2.62
N GLY A 34 -8.51 1.01 -3.06
CA GLY A 34 -7.95 2.00 -3.93
C GLY A 34 -7.34 3.18 -3.22
N THR A 35 -7.24 3.16 -1.89
CA THR A 35 -6.46 4.19 -1.22
C THR A 35 -4.98 3.78 -1.19
N GLY A 36 -4.13 4.77 -0.94
CA GLY A 36 -2.69 4.61 -1.10
C GLY A 36 -1.92 4.02 0.06
N LYS A 37 -2.19 2.75 0.35
CA LYS A 37 -1.53 2.11 1.50
C LYS A 37 -0.02 2.01 1.30
N GLU A 38 0.42 1.62 0.09
CA GLU A 38 1.87 1.54 -0.16
C GLU A 38 2.48 2.94 -0.22
N VAL A 39 1.78 3.90 -0.82
CA VAL A 39 2.26 5.29 -0.80
C VAL A 39 2.50 5.74 0.64
N CYS A 40 1.55 5.44 1.54
CA CYS A 40 1.72 5.83 2.94
C CYS A 40 2.92 5.13 3.57
N ALA A 41 3.03 3.82 3.37
CA ALA A 41 4.16 3.06 3.94
C ALA A 41 5.51 3.61 3.46
N GLU A 42 5.64 3.87 2.16
CA GLU A 42 6.88 4.44 1.64
C GLU A 42 7.14 5.82 2.19
N ALA A 43 6.08 6.63 2.40
CA ALA A 43 6.33 7.97 2.94
C ALA A 43 6.87 7.90 4.36
N ILE A 44 6.39 6.95 5.15
CA ILE A 44 6.93 6.76 6.48
C ILE A 44 8.40 6.42 6.40
N HIS A 45 8.76 5.46 5.54
CA HIS A 45 10.19 5.12 5.38
C HIS A 45 11.00 6.33 4.97
N ALA A 46 10.51 7.09 3.99
CA ALA A 46 11.28 8.21 3.47
C ALA A 46 11.51 9.28 4.52
N ALA A 47 10.58 9.46 5.46
CA ALA A 47 10.75 10.46 6.50
C ALA A 47 11.58 9.95 7.69
N SER A 48 11.86 8.64 7.73
CA SER A 48 12.49 7.98 8.86
C SER A 48 14.00 8.06 8.79
N PRO A 49 14.67 7.83 9.92
CA PRO A 49 16.14 7.76 9.90
C PRO A 49 16.66 6.64 9.05
N ARG A 50 15.83 5.64 8.72
CA ARG A 50 16.31 4.55 7.87
C ARG A 50 16.01 4.77 6.39
N HIS A 51 15.73 6.02 5.99
CA HIS A 51 15.33 6.28 4.60
C HIS A 51 16.39 5.85 3.59
N ASP A 52 17.68 5.81 3.97
CA ASP A 52 18.71 5.41 3.04
CA ASP A 52 18.74 5.41 3.05
C ASP A 52 18.87 3.90 2.90
N LYS A 53 18.19 3.13 3.73
CA LYS A 53 18.11 1.68 3.66
C LYS A 53 16.88 1.27 2.84
N PRO A 54 16.71 -0.03 2.57
CA PRO A 54 15.65 -0.43 1.62
C PRO A 54 14.26 -0.31 2.21
N PHE A 55 13.32 0.06 1.34
CA PHE A 55 11.90 -0.10 1.56
C PHE A 55 11.46 -1.29 0.70
N ILE A 56 10.84 -2.29 1.32
CA ILE A 56 10.40 -3.49 0.60
C ILE A 56 8.93 -3.72 0.90
N ALA A 57 8.13 -3.92 -0.14
CA ALA A 57 6.71 -4.17 0.04
C ALA A 57 6.39 -5.59 -0.39
N LEU A 58 5.79 -6.37 0.52
CA LEU A 58 5.35 -7.74 0.22
C LEU A 58 3.83 -7.69 0.14
N ASN A 59 3.28 -7.88 -1.07
CA ASN A 59 1.83 -7.89 -1.22
C ASN A 59 1.37 -9.32 -1.06
N CYS A 60 0.76 -9.62 0.09
CA CYS A 60 0.45 -11.01 0.42
C CYS A 60 -0.66 -11.58 -0.42
N ALA A 61 -1.40 -10.73 -1.10
CA ALA A 61 -2.45 -11.20 -1.98
C ALA A 61 -1.95 -11.48 -3.38
N ALA A 62 -0.83 -10.87 -3.78
CA ALA A 62 -0.29 -11.06 -5.13
C ALA A 62 0.50 -12.34 -5.25
N ILE A 63 0.45 -13.18 -4.23
CA ILE A 63 1.27 -14.37 -4.12
C ILE A 63 0.35 -15.53 -3.74
N PRO A 64 0.49 -16.72 -4.33
CA PRO A 64 -0.29 -17.85 -3.84
C PRO A 64 -0.08 -18.01 -2.35
N LYS A 65 -1.16 -18.32 -1.64
CA LYS A 65 -1.13 -18.38 -0.18
C LYS A 65 -0.07 -19.34 0.32
N ASP A 66 0.13 -20.47 -0.38
CA ASP A 66 1.15 -21.43 0.01
C ASP A 66 2.57 -20.96 -0.28
N LEU A 67 2.74 -19.81 -0.93
CA LEU A 67 4.06 -19.28 -1.23
C LEU A 67 4.39 -17.98 -0.52
N ILE A 68 3.47 -17.43 0.28
CA ILE A 68 3.81 -16.22 1.04
C ILE A 68 5.03 -16.48 1.91
N GLU A 69 5.09 -17.65 2.58
CA GLU A 69 6.19 -17.89 3.51
C GLU A 69 7.53 -17.87 2.78
N SER A 70 7.58 -18.50 1.61
CA SER A 70 8.78 -18.45 0.80
C SER A 70 9.15 -17.02 0.42
N GLU A 71 8.16 -16.21 0.01
CA GLU A 71 8.49 -14.84 -0.38
C GLU A 71 8.95 -14.03 0.82
N LEU A 72 8.37 -14.28 2.00
CA LEU A 72 8.69 -13.51 3.20
C LEU A 72 10.05 -13.92 3.80
N PHE A 73 10.26 -15.21 4.03
CA PHE A 73 11.43 -15.71 4.74
C PHE A 73 12.49 -16.34 3.84
N GLY A 74 12.21 -16.52 2.54
CA GLY A 74 13.14 -17.20 1.66
C GLY A 74 12.98 -18.70 1.69
N HIS A 75 13.75 -19.39 0.85
CA HIS A 75 13.76 -20.84 0.89
C HIS A 75 15.11 -21.33 0.40
N VAL A 76 15.51 -22.49 0.92
CA VAL A 76 16.72 -23.16 0.44
C VAL A 76 16.38 -23.96 -0.81
N LYS A 77 17.41 -24.41 -1.52
CA LYS A 77 17.18 -25.14 -2.75
C LYS A 77 16.54 -26.50 -2.44
N GLY A 78 15.52 -26.87 -3.20
CA GLY A 78 14.82 -28.13 -3.00
C GLY A 78 13.90 -28.18 -1.81
N ALA A 79 13.57 -27.04 -1.19
CA ALA A 79 12.73 -27.05 0.01
C ALA A 79 11.33 -27.54 -0.30
N PHE A 80 10.82 -27.26 -1.50
CA PHE A 80 9.54 -27.78 -1.96
C PHE A 80 9.65 -28.00 -3.46
N THR A 81 8.63 -28.66 -4.01
CA THR A 81 8.74 -29.22 -5.36
C THR A 81 9.18 -28.20 -6.39
N GLY A 82 8.71 -26.95 -6.27
CA GLY A 82 9.07 -25.91 -7.19
C GLY A 82 10.34 -25.13 -6.88
N ALA A 83 11.02 -25.43 -5.78
CA ALA A 83 12.18 -24.65 -5.32
C ALA A 83 13.38 -24.93 -6.22
N SER A 84 13.41 -24.26 -7.37
CA SER A 84 14.48 -24.48 -8.34
C SER A 84 15.82 -23.99 -7.81
N THR A 85 15.82 -22.88 -7.06
CA THR A 85 17.05 -22.31 -6.52
C THR A 85 16.79 -21.85 -5.09
N GLU A 86 17.83 -21.32 -4.45
CA GLU A 86 17.72 -20.76 -3.12
C GLU A 86 17.32 -19.29 -3.24
N ARG A 87 16.35 -18.88 -2.42
CA ARG A 87 15.76 -17.55 -2.52
C ARG A 87 15.95 -16.77 -1.24
N GLN A 88 16.28 -15.48 -1.40
CA GLN A 88 16.40 -14.54 -0.30
C GLN A 88 15.01 -13.99 0.02
N GLY A 89 14.65 -14.02 1.30
CA GLY A 89 13.33 -13.53 1.70
C GLY A 89 13.22 -12.02 1.71
N ALA A 90 11.95 -11.54 1.68
CA ALA A 90 11.71 -10.11 1.85
C ALA A 90 12.32 -9.57 3.14
N VAL A 91 12.32 -10.38 4.21
CA VAL A 91 12.91 -9.90 5.46
C VAL A 91 14.40 -9.58 5.31
N GLU A 92 15.10 -10.34 4.46
CA GLU A 92 16.51 -10.04 4.24
C GLU A 92 16.70 -8.82 3.36
N MET A 93 15.85 -8.67 2.33
CA MET A 93 15.98 -7.50 1.49
C MET A 93 15.71 -6.22 2.28
N ALA A 94 14.88 -6.30 3.34
CA ALA A 94 14.50 -5.14 4.13
C ALA A 94 15.39 -4.91 5.34
N HIS A 95 16.43 -5.71 5.55
CA HIS A 95 17.22 -5.57 6.77
C HIS A 95 17.79 -4.16 6.88
N ASN A 96 17.63 -3.57 8.06
CA ASN A 96 17.99 -2.19 8.42
C ASN A 96 17.03 -1.18 7.83
N GLY A 97 16.03 -1.63 7.07
CA GLY A 97 15.03 -0.77 6.44
C GLY A 97 13.62 -1.02 6.92
N THR A 98 12.66 -0.85 6.02
CA THR A 98 11.24 -0.93 6.39
C THR A 98 10.61 -2.00 5.52
N LEU A 99 9.84 -2.87 6.15
CA LEU A 99 9.14 -3.94 5.47
C LEU A 99 7.64 -3.64 5.55
N MET A 100 7.01 -3.51 4.40
CA MET A 100 5.56 -3.36 4.35
C MET A 100 4.92 -4.72 4.08
N LEU A 101 4.02 -5.15 5.00
CA LEU A 101 3.24 -6.36 4.87
C LEU A 101 1.85 -5.92 4.39
N ASP A 102 1.65 -5.95 3.08
CA ASP A 102 0.41 -5.48 2.48
C ASP A 102 -0.55 -6.66 2.32
N GLU A 103 -1.84 -6.39 2.50
CA GLU A 103 -2.89 -7.42 2.49
C GLU A 103 -2.55 -8.56 3.42
N LEU A 104 -2.10 -8.16 4.61
CA LEU A 104 -1.61 -9.07 5.64
C LEU A 104 -2.64 -10.13 6.02
N CYS A 105 -3.93 -9.81 5.96
CA CYS A 105 -4.91 -10.78 6.41
C CYS A 105 -5.03 -11.98 5.47
N GLU A 106 -4.36 -11.97 4.32
CA GLU A 106 -4.35 -13.13 3.43
C GLU A 106 -3.49 -14.27 3.94
N MET A 107 -2.57 -14.02 4.88
CA MET A 107 -1.75 -15.09 5.41
C MET A 107 -2.61 -16.10 6.15
N ASP A 108 -2.25 -17.37 6.02
CA ASP A 108 -2.95 -18.38 6.79
C ASP A 108 -2.52 -18.32 8.25
N LEU A 109 -3.27 -19.03 9.09
CA LEU A 109 -3.02 -18.94 10.52
C LEU A 109 -1.67 -19.53 10.90
N ASP A 110 -1.21 -20.54 10.17
CA ASP A 110 0.10 -21.09 10.46
C ASP A 110 1.18 -20.05 10.20
N LEU A 111 1.10 -19.38 9.06
CA LEU A 111 2.11 -18.38 8.75
C LEU A 111 2.00 -17.20 9.70
N GLN A 112 0.78 -16.84 10.11
CA GLN A 112 0.64 -15.78 11.11
C GLN A 112 1.40 -16.11 12.39
N SER A 113 1.40 -17.38 12.81
CA SER A 113 2.19 -17.76 13.99
C SER A 113 3.67 -17.56 13.75
N LYS A 114 4.18 -17.97 12.60
CA LYS A 114 5.60 -17.75 12.30
C LYS A 114 5.90 -16.26 12.21
N LEU A 115 4.98 -15.49 11.63
CA LEU A 115 5.20 -14.04 11.57
C LEU A 115 5.27 -13.44 12.97
N LEU A 116 4.40 -13.86 13.88
CA LEU A 116 4.42 -13.27 15.21
C LEU A 116 5.73 -13.57 15.93
N ARG A 117 6.24 -14.78 15.76
N ARG A 117 6.22 -14.81 15.81
CA ARG A 117 7.53 -15.11 16.36
CA ARG A 117 7.54 -15.13 16.35
C ARG A 117 8.65 -14.26 15.80
C ARG A 117 8.58 -14.16 15.80
N PHE A 118 8.65 -14.05 14.48
CA PHE A 118 9.60 -13.14 13.85
C PHE A 118 9.45 -11.69 14.36
N ILE A 119 8.23 -11.19 14.50
CA ILE A 119 8.05 -9.81 14.95
C ILE A 119 8.60 -9.64 16.36
N GLN A 120 8.40 -10.66 17.21
CA GLN A 120 8.79 -10.56 18.61
C GLN A 120 10.30 -10.56 18.76
N THR A 121 10.98 -11.41 17.98
CA THR A 121 12.39 -11.72 18.22
C THR A 121 13.33 -11.20 17.14
N GLY A 122 12.85 -11.01 15.90
CA GLY A 122 13.74 -10.78 14.77
C GLY A 122 14.31 -12.03 14.13
N THR A 123 14.02 -13.22 14.67
CA THR A 123 14.59 -14.44 14.17
CA THR A 123 14.59 -14.46 14.18
C THR A 123 13.62 -15.15 13.23
N TYR A 124 14.17 -15.77 12.20
CA TYR A 124 13.39 -16.53 11.23
C TYR A 124 14.27 -17.64 10.65
N GLN A 125 13.63 -18.54 9.89
CA GLN A 125 14.28 -19.61 9.15
C GLN A 125 13.77 -19.59 7.73
N LYS A 126 14.64 -19.81 6.75
CA LYS A 126 14.16 -20.03 5.38
C LYS A 126 13.33 -21.31 5.33
N VAL A 127 12.36 -21.34 4.40
CA VAL A 127 11.60 -22.55 4.21
C VAL A 127 12.55 -23.66 3.82
N GLY A 128 12.46 -24.78 4.52
CA GLY A 128 13.28 -25.93 4.27
C GLY A 128 14.54 -26.02 5.11
N SER A 129 14.68 -25.17 6.12
CA SER A 129 15.87 -25.17 6.96
C SER A 129 15.49 -24.93 8.41
N SER A 130 16.33 -25.47 9.31
CA SER A 130 16.18 -25.24 10.73
C SER A 130 17.18 -24.21 11.26
N LYS A 131 18.08 -23.71 10.40
CA LYS A 131 19.05 -22.69 10.80
C LYS A 131 18.35 -21.35 11.05
N MET A 132 18.67 -20.72 12.19
CA MET A 132 18.14 -19.41 12.54
C MET A 132 18.98 -18.30 11.91
N SER A 133 18.29 -17.23 11.48
CA SER A 133 18.89 -15.98 11.06
CA SER A 133 18.92 -15.97 11.08
C SER A 133 18.17 -14.84 11.78
N SER A 134 18.73 -13.64 11.74
CA SER A 134 18.01 -12.49 12.26
CA SER A 134 18.08 -12.48 12.32
C SER A 134 18.28 -11.26 11.43
N VAL A 135 17.28 -10.39 11.38
CA VAL A 135 17.37 -9.09 10.74
C VAL A 135 16.69 -8.06 11.62
N ASP A 136 16.84 -6.80 11.24
CA ASP A 136 16.20 -5.65 11.90
CA ASP A 136 16.15 -5.70 11.90
C ASP A 136 15.34 -4.95 10.86
N VAL A 137 14.01 -5.04 10.99
CA VAL A 137 13.10 -4.31 10.11
C VAL A 137 12.14 -3.50 10.95
N ARG A 138 11.74 -2.36 10.40
CA ARG A 138 10.60 -1.59 10.92
C ARG A 138 9.38 -2.05 10.13
N PHE A 139 8.33 -2.47 10.83
CA PHE A 139 7.15 -2.99 10.13
C PHE A 139 6.09 -1.94 9.85
N VAL A 140 5.55 -2.00 8.64
CA VAL A 140 4.32 -1.30 8.31
C VAL A 140 3.39 -2.31 7.71
N CYS A 141 2.19 -2.41 8.23
CA CYS A 141 1.21 -3.38 7.77
CA CYS A 141 1.32 -3.34 7.54
C CYS A 141 0.05 -2.65 7.14
N ALA A 142 -0.68 -3.33 6.25
CA ALA A 142 -1.87 -2.71 5.67
C ALA A 142 -2.86 -3.80 5.31
N THR A 143 -4.14 -3.43 5.33
CA THR A 143 -5.16 -4.38 4.91
C THR A 143 -6.36 -3.61 4.39
N ASN A 144 -7.08 -4.26 3.46
CA ASN A 144 -8.38 -3.77 3.02
C ASN A 144 -9.52 -4.45 3.77
N ARG A 145 -9.22 -5.42 4.61
CA ARG A 145 -10.24 -5.98 5.48
C ARG A 145 -10.47 -5.05 6.68
N ASN A 146 -11.48 -5.35 7.47
CA ASN A 146 -11.60 -4.73 8.78
C ASN A 146 -10.83 -5.66 9.71
N PRO A 147 -9.68 -5.26 10.24
CA PRO A 147 -8.84 -6.24 10.95
C PRO A 147 -9.51 -6.74 12.22
N TRP A 148 -10.26 -5.88 12.91
CA TRP A 148 -10.99 -6.35 14.07
C TRP A 148 -12.00 -7.43 13.70
N GLU A 149 -12.69 -7.25 12.58
CA GLU A 149 -13.62 -8.29 12.13
C GLU A 149 -12.89 -9.59 11.79
N GLU A 150 -11.72 -9.52 11.14
CA GLU A 150 -10.97 -10.74 10.86
C GLU A 150 -10.61 -11.47 12.14
N VAL A 151 -10.38 -10.74 13.24
CA VAL A 151 -10.06 -11.36 14.52
C VAL A 151 -11.30 -12.01 15.11
N GLN A 152 -12.42 -11.29 15.11
CA GLN A 152 -13.65 -11.84 15.66
C GLN A 152 -14.07 -13.11 14.92
N GLU A 153 -13.87 -13.14 13.61
CA GLU A 153 -14.22 -14.29 12.79
C GLU A 153 -13.18 -15.40 12.83
N GLY A 154 -12.08 -15.22 13.56
CA GLY A 154 -11.07 -16.27 13.69
C GLY A 154 -10.17 -16.45 12.51
N ARG A 155 -10.12 -15.48 11.59
CA ARG A 155 -9.23 -15.57 10.44
C ARG A 155 -7.88 -14.93 10.70
N PHE A 156 -7.79 -14.09 11.74
CA PHE A 156 -6.55 -13.40 12.06
C PHE A 156 -6.30 -13.51 13.55
N ARG A 157 -5.05 -13.84 13.91
CA ARG A 157 -4.74 -14.10 15.30
C ARG A 157 -4.86 -12.85 16.14
N GLU A 158 -5.46 -13.00 17.33
CA GLU A 158 -5.63 -11.88 18.24
C GLU A 158 -4.28 -11.38 18.76
N ASP A 159 -3.39 -12.30 19.14
CA ASP A 159 -2.07 -11.88 19.64
C ASP A 159 -1.29 -11.10 18.58
N LEU A 160 -1.36 -11.55 17.32
CA LEU A 160 -0.69 -10.84 16.24
C LEU A 160 -1.30 -9.47 16.04
N TYR A 161 -2.63 -9.38 16.03
CA TYR A 161 -3.26 -8.08 15.88
C TYR A 161 -2.77 -7.09 16.94
N TYR A 162 -2.82 -7.49 18.22
CA TYR A 162 -2.41 -6.54 19.26
C TYR A 162 -0.91 -6.27 19.25
N ARG A 163 -0.09 -7.20 18.75
CA ARG A 163 1.33 -6.90 18.64
C ARG A 163 1.57 -5.83 17.59
N LEU A 164 0.84 -5.89 16.48
CA LEU A 164 1.08 -5.03 15.33
C LEU A 164 0.36 -3.68 15.40
N HIS A 165 -0.75 -3.61 16.13
CA HIS A 165 -1.66 -2.46 15.99
C HIS A 165 -1.25 -1.35 16.97
N VAL A 166 -0.08 -0.78 16.72
CA VAL A 166 0.48 0.24 17.62
C VAL A 166 0.20 1.64 17.12
N ILE A 167 0.56 1.94 15.87
CA ILE A 167 0.26 3.23 15.25
CA ILE A 167 0.23 3.23 15.27
C ILE A 167 -0.73 3.01 14.11
N PRO A 168 -2.05 3.04 14.34
CA PRO A 168 -2.99 2.92 13.22
C PRO A 168 -3.07 4.21 12.42
N ILE A 169 -3.21 4.06 11.10
CA ILE A 169 -3.47 5.16 10.18
C ILE A 169 -4.63 4.75 9.30
N SER A 170 -5.70 5.54 9.31
CA SER A 170 -6.87 5.33 8.45
C SER A 170 -6.79 6.35 7.32
N LEU A 171 -6.63 5.87 6.06
CA LEU A 171 -6.44 6.81 4.96
C LEU A 171 -7.77 7.46 4.52
N PRO A 172 -7.81 8.77 4.34
CA PRO A 172 -9.05 9.42 3.88
C PRO A 172 -9.43 8.94 2.49
N PRO A 173 -10.72 8.66 2.27
CA PRO A 173 -11.17 8.31 0.93
C PRO A 173 -11.08 9.53 0.03
N LEU A 174 -10.93 9.26 -1.28
CA LEU A 174 -10.72 10.34 -2.24
C LEU A 174 -11.83 11.41 -2.20
N ARG A 175 -13.07 10.97 -2.00
CA ARG A 175 -14.20 11.92 -2.08
C ARG A 175 -14.12 12.96 -0.98
N GLU A 176 -13.40 12.68 0.10
CA GLU A 176 -13.29 13.59 1.23
C GLU A 176 -12.09 14.51 1.14
N ARG A 177 -11.33 14.45 0.05
CA ARG A 177 -10.03 15.11 0.00
C ARG A 177 -10.03 16.45 -0.73
N GLY A 178 -11.18 17.10 -0.86
CA GLY A 178 -11.14 18.49 -1.31
C GLY A 178 -10.38 18.71 -2.61
N GLY A 179 -9.44 19.65 -2.55
CA GLY A 179 -8.64 20.03 -3.70
C GLY A 179 -7.65 18.96 -4.13
N ASP A 180 -7.47 17.92 -3.34
CA ASP A 180 -6.46 16.93 -3.75
C ASP A 180 -6.91 16.19 -5.01
N ILE A 181 -8.22 16.00 -5.19
CA ILE A 181 -8.70 15.18 -6.30
C ILE A 181 -8.18 15.71 -7.62
N ILE A 182 -8.36 17.00 -7.89
CA ILE A 182 -7.91 17.57 -9.15
C ILE A 182 -6.39 17.69 -9.24
N GLU A 183 -5.71 17.90 -8.11
CA GLU A 183 -4.25 17.88 -8.11
C GLU A 183 -3.70 16.51 -8.52
N ILE A 184 -4.30 15.45 -7.95
CA ILE A 184 -3.92 14.09 -8.35
C ILE A 184 -4.27 13.87 -9.80
N ALA A 185 -5.47 14.31 -10.22
CA ALA A 185 -5.91 14.08 -11.60
C ALA A 185 -4.96 14.76 -12.58
N HIS A 186 -4.46 15.95 -12.23
CA HIS A 186 -3.52 16.63 -13.12
C HIS A 186 -2.21 15.86 -13.21
N ALA A 187 -1.72 15.36 -12.09
CA ALA A 187 -0.47 14.62 -12.13
C ALA A 187 -0.62 13.37 -12.99
N LEU A 188 -1.75 12.67 -12.83
CA LEU A 188 -2.00 11.50 -13.66
C LEU A 188 -2.18 11.88 -15.13
N LEU A 189 -2.86 12.99 -15.40
CA LEU A 189 -3.05 13.42 -16.80
C LEU A 189 -1.70 13.59 -17.49
N GLY A 190 -0.76 14.26 -16.81
CA GLY A 190 0.57 14.43 -17.39
C GLY A 190 1.30 13.12 -17.56
N LEU A 191 1.27 12.26 -16.52
CA LEU A 191 1.99 10.99 -16.60
C LEU A 191 1.40 10.07 -17.66
N MET A 192 0.06 9.96 -17.73
CA MET A 192 -0.57 9.11 -18.76
CA MET A 192 -0.50 9.08 -18.75
C MET A 192 -0.34 9.66 -20.14
N SER A 193 -0.35 11.00 -20.28
CA SER A 193 -0.01 11.59 -21.57
C SER A 193 1.39 11.18 -22.00
N LEU A 194 2.37 11.22 -21.10
CA LEU A 194 3.70 10.73 -21.44
C LEU A 194 3.66 9.27 -21.86
N GLU A 195 2.94 8.44 -21.10
CA GLU A 195 2.90 7.02 -21.40
C GLU A 195 2.32 6.74 -22.78
N GLU A 196 1.27 7.47 -23.15
CA GLU A 196 0.51 7.23 -24.37
C GLU A 196 0.95 8.07 -25.55
N GLY A 197 1.85 9.03 -25.35
CA GLY A 197 2.21 9.91 -26.45
C GLY A 197 1.17 10.96 -26.75
N LYS A 198 0.43 11.41 -25.74
CA LYS A 198 -0.60 12.42 -25.90
C LYS A 198 -0.17 13.73 -25.20
N SER A 199 -1.08 14.70 -25.14
CA SER A 199 -0.71 16.00 -24.60
C SER A 199 -1.88 16.67 -23.91
N PHE A 200 -2.59 15.90 -23.08
CA PHE A 200 -3.68 16.48 -22.29
C PHE A 200 -3.09 17.34 -21.18
N SER A 201 -3.68 18.52 -20.98
CA SER A 201 -3.18 19.48 -20.01
C SER A 201 -4.26 20.07 -19.11
N ARG A 202 -5.54 19.91 -19.44
CA ARG A 202 -6.54 20.57 -18.61
C ARG A 202 -7.86 19.80 -18.64
N PHE A 203 -8.74 20.17 -17.72
CA PHE A 203 -10.07 19.60 -17.64
C PHE A 203 -11.08 20.71 -17.82
N SER A 204 -12.17 20.41 -18.54
CA SER A 204 -13.21 21.43 -18.65
C SER A 204 -13.91 21.63 -17.30
N GLU A 205 -14.68 22.73 -17.19
CA GLU A 205 -15.31 22.99 -15.91
C GLU A 205 -16.37 21.95 -15.54
N PRO A 206 -17.17 21.43 -16.48
CA PRO A 206 -18.08 20.34 -16.11
C PRO A 206 -17.34 19.10 -15.63
N VAL A 207 -16.19 18.80 -16.23
CA VAL A 207 -15.41 17.64 -15.80
C VAL A 207 -14.87 17.87 -14.40
N LEU A 208 -14.38 19.09 -14.12
CA LEU A 208 -13.95 19.41 -12.76
C LEU A 208 -15.08 19.21 -11.78
N ARG A 209 -16.28 19.74 -12.09
CA ARG A 209 -17.40 19.58 -11.16
C ARG A 209 -17.72 18.11 -10.92
N LEU A 210 -17.72 17.31 -11.99
CA LEU A 210 -18.05 15.90 -11.84
C LEU A 210 -17.00 15.21 -10.98
N PHE A 211 -15.72 15.45 -11.27
CA PHE A 211 -14.70 14.77 -10.49
C PHE A 211 -14.74 15.19 -9.03
N GLU A 212 -15.16 16.42 -8.76
CA GLU A 212 -15.22 16.91 -7.39
C GLU A 212 -16.53 16.59 -6.68
N SER A 213 -17.49 15.94 -7.36
CA SER A 213 -18.72 15.52 -6.71
C SER A 213 -18.94 14.02 -6.70
N TYR A 214 -18.33 13.27 -7.61
CA TYR A 214 -18.51 11.84 -7.67
C TYR A 214 -17.90 11.18 -6.43
N SER A 215 -18.50 10.07 -6.01
CA SER A 215 -18.13 9.44 -4.75
C SER A 215 -16.84 8.61 -4.82
N TRP A 216 -16.31 8.33 -6.02
CA TRP A 216 -15.06 7.61 -6.18
C TRP A 216 -14.99 6.36 -5.29
N PRO A 217 -15.90 5.41 -5.43
CA PRO A 217 -15.86 4.24 -4.54
C PRO A 217 -14.58 3.44 -4.67
N GLY A 218 -13.89 3.52 -5.81
CA GLY A 218 -12.61 2.86 -6.00
C GLY A 218 -11.44 3.78 -5.72
N ASN A 219 -11.70 4.99 -5.23
CA ASN A 219 -10.65 5.89 -4.71
C ASN A 219 -9.60 6.16 -5.77
N VAL A 220 -8.31 6.21 -5.39
CA VAL A 220 -7.30 6.68 -6.32
C VAL A 220 -7.12 5.68 -7.46
N ARG A 221 -7.26 4.38 -7.19
CA ARG A 221 -7.18 3.43 -8.30
C ARG A 221 -8.25 3.71 -9.35
N GLU A 222 -9.46 4.03 -8.91
CA GLU A 222 -10.53 4.31 -9.86
C GLU A 222 -10.21 5.59 -10.63
N LEU A 223 -9.67 6.61 -9.96
CA LEU A 223 -9.28 7.81 -10.69
C LEU A 223 -8.17 7.51 -11.69
N GLN A 224 -7.20 6.66 -11.33
CA GLN A 224 -6.18 6.26 -12.31
C GLN A 224 -6.82 5.58 -13.51
N ASN A 225 -7.82 4.72 -13.29
CA ASN A 225 -8.46 4.04 -14.41
C ASN A 225 -9.15 5.05 -15.30
N VAL A 226 -9.83 6.03 -14.70
CA VAL A 226 -10.58 7.00 -15.47
C VAL A 226 -9.63 7.85 -16.30
N ILE A 227 -8.54 8.32 -15.71
CA ILE A 227 -7.60 9.14 -16.47
C ILE A 227 -6.95 8.32 -17.58
N ARG A 228 -6.59 7.07 -17.28
CA ARG A 228 -5.98 6.22 -18.31
C ARG A 228 -6.95 6.01 -19.45
N ASN A 229 -8.22 5.70 -19.11
CA ASN A 229 -9.27 5.55 -20.12
C ASN A 229 -9.33 6.77 -21.04
N ILE A 230 -9.40 7.96 -20.45
CA ILE A 230 -9.54 9.17 -21.25
C ILE A 230 -8.36 9.36 -22.17
N VAL A 231 -7.14 9.16 -21.67
CA VAL A 231 -5.94 9.44 -22.47
C VAL A 231 -5.76 8.39 -23.55
N VAL A 232 -6.10 7.11 -23.25
CA VAL A 232 -5.97 6.06 -24.26
C VAL A 232 -6.99 6.26 -25.39
N LEU A 233 -8.22 6.67 -25.05
CA LEU A 233 -9.31 6.68 -26.04
C LEU A 233 -9.52 8.00 -26.77
N ASN A 234 -8.82 9.07 -26.39
CA ASN A 234 -9.12 10.38 -26.94
C ASN A 234 -7.81 11.11 -27.22
N THR A 235 -7.89 12.14 -28.08
CA THR A 235 -6.72 12.95 -28.45
C THR A 235 -7.17 14.41 -28.43
N ASP A 236 -6.72 15.16 -27.43
CA ASP A 236 -7.16 16.53 -27.24
C ASP A 236 -6.18 17.10 -26.23
N ASP A 237 -6.21 18.42 -26.05
CA ASP A 237 -5.48 18.89 -24.88
CA ASP A 237 -5.51 19.02 -24.92
C ASP A 237 -6.38 19.11 -23.68
N GLU A 238 -7.70 19.05 -23.84
CA GLU A 238 -8.64 19.27 -22.77
C GLU A 238 -9.53 18.06 -22.62
N VAL A 239 -9.69 17.59 -21.38
CA VAL A 239 -10.66 16.54 -21.09
C VAL A 239 -12.05 17.15 -21.11
N LYS A 240 -12.95 16.57 -21.89
CA LYS A 240 -14.32 17.06 -22.04
C LYS A 240 -15.29 16.05 -21.45
N LEU A 241 -16.50 16.54 -21.11
CA LEU A 241 -17.43 15.73 -20.34
C LEU A 241 -17.82 14.44 -21.08
N GLU A 242 -17.96 14.52 -22.41
CA GLU A 242 -18.32 13.31 -23.16
C GLU A 242 -17.24 12.24 -23.17
N MET A 243 -16.00 12.59 -22.78
CA MET A 243 -14.93 11.60 -22.70
C MET A 243 -14.98 10.76 -21.44
N VAL A 244 -15.72 11.21 -20.43
CA VAL A 244 -15.66 10.50 -19.14
C VAL A 244 -16.36 9.15 -19.28
N PRO A 245 -15.72 8.05 -18.88
CA PRO A 245 -16.30 6.71 -19.15
C PRO A 245 -17.44 6.38 -18.22
N PRO A 246 -18.32 5.43 -18.60
CA PRO A 246 -19.36 4.94 -17.71
C PRO A 246 -18.68 4.15 -16.60
N PRO A 247 -19.40 3.98 -15.49
CA PRO A 247 -20.73 4.54 -15.27
C PRO A 247 -20.66 5.76 -14.38
N ILE A 248 -19.58 6.54 -14.48
CA ILE A 248 -19.37 7.65 -13.55
C ILE A 248 -20.59 8.57 -13.53
N LEU A 249 -20.99 9.07 -14.70
CA LEU A 249 -22.15 9.98 -14.77
C LEU A 249 -23.44 9.28 -14.36
N GLU A 250 -23.68 8.08 -14.87
CA GLU A 250 -24.92 7.38 -14.55
C GLU A 250 -25.04 7.12 -13.06
N HIS A 251 -23.98 6.58 -12.44
CA HIS A 251 -23.99 6.33 -11.00
C HIS A 251 -24.11 7.62 -10.20
N HIS A 252 -23.40 8.67 -10.64
CA HIS A 252 -23.45 9.97 -9.98
C HIS A 252 -24.89 10.46 -9.84
N HIS A 253 -25.72 10.21 -10.85
CA HIS A 253 -27.13 10.63 -10.81
C HIS A 253 -28.00 9.60 -10.10
C ACT B . -2.21 -2.89 -19.13
O ACT B . -1.97 -2.06 -20.02
OXT ACT B . -2.96 -2.56 -18.21
CH3 ACT B . -1.63 -4.26 -19.12
C ACT C . 7.70 -5.41 17.62
O ACT C . 8.54 -5.83 18.44
OXT ACT C . 6.50 -5.43 17.99
CH3 ACT C . 8.09 -4.93 16.26
C ACT D . -17.03 20.02 -22.18
O ACT D . -16.81 19.31 -21.15
OXT ACT D . -17.41 19.42 -23.23
CH3 ACT D . -16.82 21.51 -22.13
C ACT E . -2.36 10.47 -3.55
O ACT E . -3.24 9.71 -3.07
OXT ACT E . -2.21 11.59 -3.02
CH3 ACT E . -1.50 10.06 -4.74
#